data_9M00
#
_entry.id   9M00
#
_cell.length_a   39.300
_cell.length_b   48.080
_cell.length_c   127.010
_cell.angle_alpha   96.44
_cell.angle_beta   98.04
_cell.angle_gamma   90.12
#
_symmetry.space_group_name_H-M   'P 1'
#
loop_
_entity.id
_entity.type
_entity.pdbx_description
1 polymer 'Endocarditis and biofilm-associated pilus minor subunit EbpB.'
2 water water
#
_entity_poly.entity_id   1
_entity_poly.type   'polypeptide(L)'
_entity_poly.pdbx_seq_one_letter_code
;MGSSHHHHHHSSGLVPRGSHMEASQASVQVTLHKLLFPDGQLPEQQQNTGEEGTLLQNYRGLNDVTYQVYDVTDPFYQLR
SEGKTVQEAQRQLAETGAMNRKPIAEDKTQTINGEDGVVSFSLASKDSQQRDKAYLFVEAEAPEVVKEKASNLVMILPVQ
DPQGQSLTHIHLYPKNEENAYDLPPLEKTVLDKQQGFNQGEHINYQLTTQIPANILGYQEFRLSDKADTTLTLLPESIEV
KVAGKTVTTGYTLTTQKHGFTLDFSIKDLQNFANQTMTVSYQMRLEKTAEPDTAINNEGQLVTDKHTLTKRAAVRTGGKS
FVKVDSENAKITLPEAVFIVKNQAGEYLNETANGYRWQKEKALAKKITSNQAGEFSVKGLKDGQYFLEEISAPKGYLLNQ
TEIPFTVEKNSYATNGQRTAPLHVINKKVKESGFLP
;
_entity_poly.pdbx_strand_id   B,A
#
# COMPACT_ATOMS: atom_id res chain seq x y z
N LEU A 32 16.02 1.14 56.50
CA LEU A 32 14.77 1.32 55.71
C LEU A 32 14.76 0.33 54.54
N HIS A 33 13.81 -0.62 54.57
CA HIS A 33 13.59 -1.58 53.50
C HIS A 33 12.45 -1.07 52.62
N LYS A 34 12.72 -0.06 51.78
CA LYS A 34 11.73 0.44 50.84
C LYS A 34 11.09 -0.73 50.10
N LEU A 35 9.75 -0.70 49.98
CA LEU A 35 9.07 -1.82 49.35
C LEU A 35 7.92 -1.24 48.55
N LEU A 36 7.74 -1.75 47.33
CA LEU A 36 6.71 -1.30 46.44
C LEU A 36 5.67 -2.39 46.25
N PHE A 37 4.40 -2.02 46.41
CA PHE A 37 3.29 -2.93 46.18
C PHE A 37 2.47 -2.41 45.00
N PRO A 38 2.07 -3.26 44.02
CA PRO A 38 1.07 -2.86 43.01
C PRO A 38 -0.16 -2.25 43.69
N ASP A 39 -0.79 -1.26 43.04
CA ASP A 39 -1.98 -0.59 43.57
C ASP A 39 -2.92 -1.61 44.19
N GLY A 40 -3.35 -1.34 45.43
CA GLY A 40 -4.10 -2.29 46.23
C GLY A 40 -3.18 -3.00 47.20
N TYR A 59 5.23 -8.05 46.34
CA TYR A 59 6.07 -6.84 46.60
C TYR A 59 7.48 -7.05 46.03
N ARG A 60 8.23 -5.95 45.94
CA ARG A 60 9.63 -5.95 45.53
C ARG A 60 10.34 -4.74 46.13
N GLY A 61 11.67 -4.79 46.16
CA GLY A 61 12.50 -3.67 46.62
C GLY A 61 12.41 -2.49 45.66
N LEU A 62 12.87 -1.32 46.10
CA LEU A 62 12.71 -0.11 45.30
C LEU A 62 13.91 0.82 45.47
N ASN A 63 14.73 0.91 44.43
CA ASN A 63 15.83 1.87 44.39
C ASN A 63 15.30 3.19 43.86
N ASP A 64 16.14 4.23 44.00
CA ASP A 64 15.95 5.55 43.42
C ASP A 64 14.95 6.36 44.27
N VAL A 65 14.74 5.93 45.52
CA VAL A 65 13.93 6.68 46.46
C VAL A 65 14.91 7.49 47.32
N THR A 66 14.63 8.79 47.48
CA THR A 66 15.45 9.67 48.30
C THR A 66 14.78 9.81 49.66
N TYR A 67 15.49 9.42 50.72
CA TYR A 67 15.01 9.58 52.09
C TYR A 67 15.82 10.66 52.80
N GLN A 68 15.08 11.61 53.39
CA GLN A 68 15.65 12.64 54.25
C GLN A 68 15.36 12.26 55.71
N VAL A 69 16.24 12.68 56.63
CA VAL A 69 16.12 12.33 58.03
C VAL A 69 16.19 13.62 58.87
N TYR A 70 15.05 14.02 59.43
CA TYR A 70 14.94 15.22 60.26
C TYR A 70 15.06 14.85 61.75
N TYR A 77 9.63 16.63 72.51
CA TYR A 77 9.89 17.43 73.73
C TYR A 77 9.24 18.81 73.57
N GLN A 78 7.92 18.79 73.76
CA GLN A 78 7.08 19.99 73.76
C GLN A 78 5.68 19.56 73.34
N SER A 81 4.66 17.65 77.21
CA SER A 81 4.93 19.01 77.75
C SER A 81 4.04 20.08 77.10
N GLU A 82 2.99 19.67 76.38
CA GLU A 82 2.07 20.59 75.72
C GLU A 82 0.72 19.88 75.49
N GLN A 87 3.35 9.16 70.27
CA GLN A 87 2.27 8.81 69.32
C GLN A 87 1.62 10.09 68.84
N GLU A 88 0.88 10.76 69.74
CA GLU A 88 0.32 12.07 69.44
C GLU A 88 1.43 13.10 69.20
N ALA A 89 2.67 12.74 69.53
CA ALA A 89 3.83 13.58 69.20
C ALA A 89 4.53 13.05 67.96
N GLN A 90 4.66 11.72 67.85
CA GLN A 90 5.23 11.07 66.68
C GLN A 90 4.44 11.49 65.44
N ARG A 91 3.11 11.38 65.51
CA ARG A 91 2.23 11.70 64.40
C ARG A 91 2.04 13.21 64.22
N GLN A 92 2.44 14.00 65.23
CA GLN A 92 2.50 15.46 65.13
C GLN A 92 3.91 15.93 64.74
N LEU A 93 4.86 15.00 64.76
CA LEU A 93 6.19 15.22 64.21
C LEU A 93 6.25 14.57 62.82
N GLN A 110 19.25 2.02 46.76
CA GLN A 110 20.32 1.31 46.00
C GLN A 110 20.32 -0.17 46.38
N THR A 111 20.86 -1.00 45.48
CA THR A 111 21.06 -2.42 45.71
C THR A 111 22.36 -2.59 46.51
N ILE A 112 22.28 -3.28 47.66
CA ILE A 112 23.40 -3.51 48.55
C ILE A 112 23.67 -5.02 48.63
N GLU A 115 18.09 -6.87 48.44
CA GLU A 115 19.35 -6.19 48.09
C GLU A 115 19.04 -4.77 47.62
N ASP A 116 17.92 -4.61 46.91
CA ASP A 116 17.51 -3.33 46.33
C ASP A 116 16.59 -2.58 47.30
N GLY A 117 16.83 -1.27 47.42
CA GLY A 117 15.96 -0.38 48.16
C GLY A 117 16.34 -0.31 49.63
N VAL A 118 17.58 0.10 49.90
CA VAL A 118 18.12 0.14 51.26
C VAL A 118 18.73 1.53 51.54
N PHE A 137 11.94 10.01 59.16
CA PHE A 137 12.22 9.53 57.78
C PHE A 137 11.15 10.12 56.84
N VAL A 138 11.61 10.96 55.90
CA VAL A 138 10.75 11.51 54.86
C VAL A 138 11.23 11.01 53.50
N GLU A 139 10.29 10.49 52.71
CA GLU A 139 10.48 10.15 51.32
C GLU A 139 10.30 11.43 50.49
N ALA A 140 11.40 11.90 49.89
CA ALA A 140 11.47 13.22 49.28
C ALA A 140 11.29 13.14 47.76
N GLU A 141 11.93 12.15 47.13
CA GLU A 141 11.78 11.92 45.71
C GLU A 141 11.73 10.41 45.47
N ALA A 142 10.89 9.98 44.53
CA ALA A 142 10.65 8.56 44.30
C ALA A 142 10.51 8.30 42.80
N PRO A 143 10.79 7.06 42.33
CA PRO A 143 10.57 6.67 40.94
C PRO A 143 9.14 6.92 40.48
N GLU A 144 9.01 7.20 39.17
CA GLU A 144 7.73 7.50 38.53
C GLU A 144 6.70 6.42 38.85
N VAL A 145 7.14 5.18 39.13
CA VAL A 145 6.25 4.06 39.36
C VAL A 145 5.45 4.22 40.65
N VAL A 146 5.91 5.09 41.56
CA VAL A 146 5.31 5.23 42.87
C VAL A 146 4.12 6.20 42.78
N LYS A 147 2.92 5.67 43.04
CA LYS A 147 1.69 6.45 43.13
C LYS A 147 1.64 7.13 44.49
N GLU A 148 1.68 6.31 45.55
CA GLU A 148 1.61 6.78 46.92
C GLU A 148 2.92 6.41 47.61
N LYS A 149 3.58 7.41 48.17
CA LYS A 149 4.80 7.21 48.94
C LYS A 149 4.45 6.63 50.31
N ALA A 150 5.45 6.05 50.96
CA ALA A 150 5.27 5.66 52.37
C ALA A 150 5.09 6.91 53.24
N SER A 151 4.26 6.77 54.29
CA SER A 151 4.03 7.83 55.26
C SER A 151 5.30 8.02 56.07
N ASN A 152 5.56 9.27 56.46
CA ASN A 152 6.79 9.60 57.17
C ASN A 152 6.82 8.86 58.50
N LEU A 153 7.98 8.27 58.84
CA LEU A 153 8.08 7.40 60.00
C LEU A 153 8.94 8.09 61.07
N TYR A 173 10.95 -1.02 57.32
CA TYR A 173 10.19 -1.54 56.14
C TYR A 173 9.16 -0.51 55.66
N PRO A 174 9.58 0.61 55.03
CA PRO A 174 8.63 1.54 54.39
C PRO A 174 7.82 0.86 53.28
N LYS A 175 6.59 1.35 53.04
CA LYS A 175 5.63 0.65 52.18
C LYS A 175 5.11 1.61 51.11
N ASN A 176 5.35 1.28 49.84
CA ASN A 176 5.04 2.16 48.73
C ASN A 176 4.03 1.47 47.82
N GLU A 177 3.15 2.30 47.27
CA GLU A 177 2.07 1.86 46.40
C GLU A 177 2.42 2.24 44.98
N GLU A 178 2.26 1.29 44.04
CA GLU A 178 2.63 1.49 42.66
C GLU A 178 1.46 2.11 41.92
N ASN A 179 1.78 2.92 40.90
CA ASN A 179 0.79 3.35 39.92
C ASN A 179 0.19 2.11 39.26
N ALA A 180 -1.02 2.28 38.70
CA ALA A 180 -1.59 1.29 37.81
C ALA A 180 -0.96 1.42 36.42
N TYR A 181 -0.61 0.27 35.84
CA TYR A 181 -0.01 0.20 34.53
C TYR A 181 -0.67 -0.94 33.76
N ASP A 182 -0.96 -0.67 32.50
CA ASP A 182 -1.57 -1.67 31.66
C ASP A 182 -0.47 -2.69 31.31
N LEU A 183 -0.90 -3.93 31.05
CA LEU A 183 0.00 -4.94 30.55
C LEU A 183 0.55 -4.46 29.20
N PRO A 184 1.81 -4.79 28.85
CA PRO A 184 2.38 -4.35 27.58
C PRO A 184 1.70 -5.01 26.39
N PRO A 185 1.50 -4.30 25.26
CA PRO A 185 0.83 -4.88 24.09
C PRO A 185 1.74 -5.70 23.19
N LEU A 186 1.12 -6.42 22.26
CA LEU A 186 1.85 -7.08 21.17
C LEU A 186 1.17 -6.77 19.85
N GLU A 187 1.95 -6.25 18.89
CA GLU A 187 1.54 -6.15 17.51
C GLU A 187 2.51 -7.00 16.69
N LYS A 188 1.98 -7.80 15.74
CA LYS A 188 2.79 -8.47 14.73
C LYS A 188 2.40 -7.94 13.35
N THR A 189 3.43 -7.59 12.56
CA THR A 189 3.23 -6.84 11.35
C THR A 189 4.16 -7.40 10.27
N VAL A 190 3.62 -7.54 9.05
CA VAL A 190 4.41 -7.88 7.88
C VAL A 190 4.45 -6.65 6.98
N LEU A 191 5.65 -6.28 6.50
CA LEU A 191 5.77 -5.09 5.67
C LEU A 191 5.41 -5.43 4.23
N ASP A 192 4.77 -4.46 3.54
CA ASP A 192 4.58 -4.49 2.10
C ASP A 192 3.97 -5.80 1.64
N LYS A 193 2.82 -6.16 2.24
CA LYS A 193 2.26 -7.49 2.11
C LYS A 193 1.03 -7.51 1.21
N GLN A 194 0.67 -6.37 0.61
CA GLN A 194 -0.63 -6.26 -0.06
C GLN A 194 -0.67 -7.12 -1.34
N GLN A 195 0.45 -7.24 -2.06
CA GLN A 195 0.45 -7.95 -3.33
C GLN A 195 0.91 -9.40 -3.17
N GLY A 196 1.17 -9.85 -1.94
CA GLY A 196 1.70 -11.19 -1.75
C GLY A 196 3.20 -11.17 -1.88
N PHE A 197 3.81 -12.32 -2.20
CA PHE A 197 5.27 -12.45 -2.22
C PHE A 197 5.69 -13.58 -3.16
N ASN A 198 6.89 -13.45 -3.72
CA ASN A 198 7.47 -14.47 -4.56
C ASN A 198 8.07 -15.56 -3.67
N GLN A 199 8.06 -16.81 -4.13
CA GLN A 199 8.85 -17.83 -3.45
C GLN A 199 10.30 -17.37 -3.50
N GLY A 200 10.97 -17.38 -2.33
CA GLY A 200 12.39 -17.04 -2.20
C GLY A 200 12.60 -15.60 -1.73
N GLU A 201 11.54 -14.79 -1.76
CA GLU A 201 11.63 -13.40 -1.38
C GLU A 201 11.80 -13.29 0.15
N HIS A 202 12.62 -12.32 0.58
CA HIS A 202 12.90 -12.07 1.98
C HIS A 202 11.81 -11.17 2.57
N ILE A 203 10.81 -11.80 3.18
CA ILE A 203 9.65 -11.11 3.75
C ILE A 203 10.08 -10.50 5.07
N ASN A 204 9.72 -9.22 5.29
CA ASN A 204 10.14 -8.45 6.45
C ASN A 204 9.04 -8.41 7.52
N TYR A 205 9.38 -8.82 8.74
CA TYR A 205 8.42 -9.00 9.81
C TYR A 205 8.82 -8.13 10.99
N GLN A 206 7.80 -7.74 11.79
CA GLN A 206 8.03 -6.91 12.96
C GLN A 206 7.18 -7.42 14.12
N LEU A 207 7.82 -7.60 15.27
CA LEU A 207 7.11 -7.73 16.55
C LEU A 207 7.33 -6.42 17.31
N THR A 208 6.24 -5.76 17.68
CA THR A 208 6.31 -4.48 18.37
C THR A 208 5.69 -4.65 19.76
N THR A 209 6.31 -4.03 20.76
CA THR A 209 5.72 -4.00 22.08
C THR A 209 6.19 -2.73 22.78
N GLN A 210 5.73 -2.59 24.03
CA GLN A 210 6.06 -1.45 24.87
C GLN A 210 6.53 -1.99 26.20
N ILE A 211 7.82 -1.76 26.48
CA ILE A 211 8.44 -2.09 27.74
C ILE A 211 7.78 -1.23 28.81
N PRO A 212 7.04 -1.80 29.78
CA PRO A 212 6.22 -1.01 30.69
C PRO A 212 7.12 -0.29 31.67
N ALA A 213 6.61 0.80 32.23
CA ALA A 213 7.39 1.60 33.16
C ALA A 213 7.77 0.80 34.41
N ASN A 214 6.98 -0.25 34.75
CA ASN A 214 7.23 -1.08 35.91
C ASN A 214 7.79 -2.45 35.53
N ILE A 215 8.69 -2.49 34.53
CA ILE A 215 9.23 -3.74 34.00
C ILE A 215 10.02 -4.48 35.08
N LEU A 216 10.58 -3.75 36.05
CA LEU A 216 11.31 -4.39 37.14
C LEU A 216 10.42 -5.29 37.99
N GLY A 217 9.09 -5.19 37.78
CA GLY A 217 8.13 -5.97 38.55
C GLY A 217 7.81 -7.31 37.89
N TYR A 218 8.30 -7.50 36.66
CA TYR A 218 8.09 -8.74 35.94
C TYR A 218 9.23 -9.70 36.26
N GLN A 219 8.95 -11.00 36.11
CA GLN A 219 9.96 -12.04 36.29
C GLN A 219 10.40 -12.58 34.93
N GLU A 220 9.45 -12.70 33.97
CA GLU A 220 9.74 -13.16 32.63
C GLU A 220 9.28 -12.12 31.61
N PHE A 221 9.95 -12.12 30.47
CA PHE A 221 9.56 -11.31 29.32
C PHE A 221 10.23 -11.89 28.08
N ARG A 222 9.45 -12.69 27.33
CA ARG A 222 9.96 -13.49 26.24
C ARG A 222 9.19 -13.16 24.97
N LEU A 223 9.92 -12.81 23.90
CA LEU A 223 9.33 -12.64 22.58
C LEU A 223 9.67 -13.87 21.72
N SER A 224 8.68 -14.34 20.96
CA SER A 224 8.88 -15.53 20.14
C SER A 224 7.96 -15.48 18.91
N ASP A 225 8.35 -16.23 17.89
CA ASP A 225 7.63 -16.31 16.64
C ASP A 225 7.61 -17.76 16.16
N LYS A 226 6.54 -18.13 15.47
CA LYS A 226 6.40 -19.49 15.01
C LYS A 226 5.61 -19.47 13.71
N ALA A 227 6.27 -19.86 12.61
CA ALA A 227 5.70 -19.78 11.29
C ALA A 227 5.36 -21.17 10.76
N ASP A 228 4.41 -21.20 9.82
CA ASP A 228 4.19 -22.38 8.99
C ASP A 228 5.51 -22.84 8.39
N THR A 229 5.58 -24.14 8.03
CA THR A 229 6.82 -24.77 7.64
C THR A 229 7.27 -24.32 6.24
N THR A 230 6.45 -23.51 5.54
CA THR A 230 6.87 -22.97 4.24
C THR A 230 7.46 -21.58 4.38
N LEU A 231 7.63 -21.08 5.61
CA LEU A 231 8.39 -19.86 5.90
C LEU A 231 9.65 -20.22 6.69
N THR A 232 10.81 -20.00 6.08
CA THR A 232 12.08 -20.35 6.70
C THR A 232 12.69 -19.09 7.29
N LEU A 233 12.95 -19.15 8.60
CA LEU A 233 13.53 -18.03 9.31
C LEU A 233 14.95 -17.78 8.85
N LEU A 234 15.28 -16.49 8.68
CA LEU A 234 16.65 -16.10 8.47
C LEU A 234 17.19 -15.66 9.82
N PRO A 235 17.96 -16.54 10.50
CA PRO A 235 18.38 -16.31 11.88
C PRO A 235 19.36 -15.16 12.14
N GLU A 236 20.08 -14.74 11.10
CA GLU A 236 21.02 -13.64 11.23
C GLU A 236 20.29 -12.32 11.13
N SER A 237 19.04 -12.38 10.66
CA SER A 237 18.23 -11.20 10.34
C SER A 237 17.62 -10.58 11.59
N ILE A 238 17.51 -11.32 12.69
CA ILE A 238 16.77 -10.89 13.87
C ILE A 238 17.51 -9.76 14.54
N GLU A 239 16.84 -8.61 14.68
CA GLU A 239 17.44 -7.46 15.31
C GLU A 239 16.41 -6.79 16.21
N VAL A 240 16.76 -6.69 17.50
CA VAL A 240 16.02 -5.92 18.48
C VAL A 240 16.40 -4.45 18.34
N LYS A 241 15.39 -3.60 18.19
CA LYS A 241 15.57 -2.16 18.32
C LYS A 241 14.66 -1.58 19.41
N VAL A 242 15.18 -0.59 20.14
CA VAL A 242 14.33 0.17 21.04
C VAL A 242 14.51 1.64 20.72
N ALA A 243 13.39 2.33 20.49
CA ALA A 243 13.40 3.73 20.11
C ALA A 243 14.35 3.94 18.92
N GLY A 244 14.30 2.99 17.98
CA GLY A 244 15.06 3.07 16.74
C GLY A 244 16.51 2.62 16.89
N LYS A 245 16.96 2.34 18.12
CA LYS A 245 18.37 2.07 18.37
C LYS A 245 18.53 0.57 18.51
N THR A 246 19.51 -0.01 17.81
CA THR A 246 19.78 -1.45 17.87
C THR A 246 20.21 -1.87 19.28
N VAL A 247 19.71 -3.03 19.73
CA VAL A 247 20.10 -3.57 21.03
C VAL A 247 20.54 -5.02 20.84
N THR A 248 21.73 -5.32 21.35
CA THR A 248 22.35 -6.61 21.12
C THR A 248 22.70 -7.28 22.44
N THR A 249 22.24 -6.74 23.58
CA THR A 249 22.57 -7.32 24.88
C THR A 249 21.32 -7.43 25.73
N GLY A 250 21.41 -8.23 26.80
CA GLY A 250 20.31 -8.44 27.72
C GLY A 250 19.28 -9.43 27.18
N TYR A 251 19.70 -10.31 26.26
CA TYR A 251 18.81 -11.35 25.78
C TYR A 251 19.62 -12.58 25.38
N THR A 252 18.96 -13.73 25.41
CA THR A 252 19.47 -14.94 24.80
C THR A 252 18.51 -15.24 23.64
N LEU A 253 19.12 -15.56 22.49
CA LEU A 253 18.41 -15.79 21.26
C LEU A 253 18.52 -17.27 20.93
N THR A 254 17.38 -17.91 20.72
CA THR A 254 17.36 -19.30 20.31
C THR A 254 16.49 -19.37 19.07
N THR A 255 17.08 -19.92 18.00
CA THR A 255 16.42 -19.96 16.71
C THR A 255 16.18 -21.43 16.37
N GLN A 256 15.03 -21.67 15.74
CA GLN A 256 14.68 -22.94 15.13
C GLN A 256 14.47 -22.61 13.66
N LYS A 257 13.95 -23.55 12.88
CA LYS A 257 13.90 -23.35 11.44
C LYS A 257 12.77 -22.38 11.09
N HIS A 258 11.69 -22.44 11.89
CA HIS A 258 10.46 -21.72 11.62
C HIS A 258 10.11 -20.80 12.78
N GLY A 259 11.12 -20.33 13.52
CA GLY A 259 10.82 -19.54 14.70
C GLY A 259 12.06 -19.21 15.50
N PHE A 260 11.86 -18.36 16.52
CA PHE A 260 12.94 -18.01 17.43
C PHE A 260 12.32 -17.61 18.77
N THR A 261 13.15 -17.57 19.83
CA THR A 261 12.77 -16.99 21.10
C THR A 261 13.85 -16.02 21.54
N LEU A 262 13.41 -14.84 21.98
CA LEU A 262 14.25 -13.91 22.70
C LEU A 262 13.77 -13.82 24.15
N ASP A 263 14.57 -14.35 25.10
CA ASP A 263 14.28 -14.22 26.52
C ASP A 263 15.09 -13.03 27.05
N PHE A 264 14.38 -12.04 27.59
CA PHE A 264 15.01 -10.79 27.98
C PHE A 264 15.35 -10.82 29.47
N SER A 265 16.50 -10.23 29.79
CA SER A 265 16.93 -9.97 31.15
C SER A 265 16.11 -8.81 31.69
N ILE A 266 15.31 -9.07 32.74
CA ILE A 266 14.47 -8.05 33.32
C ILE A 266 15.31 -6.84 33.72
N LYS A 267 16.46 -7.08 34.37
CA LYS A 267 17.28 -6.00 34.91
C LYS A 267 17.65 -5.02 33.80
N ASP A 268 18.04 -5.55 32.65
CA ASP A 268 18.52 -4.75 31.55
C ASP A 268 17.35 -4.04 30.89
N LEU A 269 16.13 -4.56 31.03
CA LEU A 269 15.00 -3.97 30.34
C LEU A 269 14.62 -2.60 30.92
N GLN A 270 15.19 -2.21 32.07
CA GLN A 270 14.75 -0.99 32.77
C GLN A 270 15.20 0.27 32.01
N ASN A 271 16.29 0.17 31.24
CA ASN A 271 16.78 1.31 30.48
C ASN A 271 15.86 1.61 29.29
N PHE A 272 15.01 0.63 28.94
CA PHE A 272 13.99 0.81 27.91
C PHE A 272 12.59 1.00 28.49
N ALA A 273 12.49 1.23 29.81
CA ALA A 273 11.21 1.45 30.46
C ALA A 273 10.44 2.53 29.72
N ASN A 274 9.19 2.21 29.37
CA ASN A 274 8.23 3.14 28.81
C ASN A 274 8.67 3.57 27.40
N GLN A 275 9.37 2.67 26.68
CA GLN A 275 9.77 2.92 25.29
C GLN A 275 9.40 1.73 24.42
N THR A 276 9.44 1.92 23.09
CA THR A 276 8.96 0.90 22.19
C THR A 276 10.14 0.01 21.81
N MET A 277 9.90 -1.29 21.87
CA MET A 277 10.81 -2.29 21.35
C MET A 277 10.16 -2.96 20.16
N THR A 278 10.94 -3.04 19.07
CA THR A 278 10.53 -3.75 17.88
C THR A 278 11.56 -4.85 17.62
N VAL A 279 11.08 -6.03 17.22
CA VAL A 279 11.97 -7.09 16.76
C VAL A 279 11.75 -7.24 15.25
N SER A 280 12.71 -6.77 14.47
CA SER A 280 12.70 -7.03 13.04
C SER A 280 13.36 -8.38 12.75
N TYR A 281 12.79 -9.10 11.79
CA TYR A 281 13.39 -10.33 11.29
C TYR A 281 12.86 -10.60 9.90
N GLN A 282 13.56 -11.46 9.17
CA GLN A 282 13.12 -11.84 7.84
C GLN A 282 12.83 -13.33 7.80
N MET A 283 11.79 -13.67 7.04
CA MET A 283 11.54 -15.04 6.67
C MET A 283 11.43 -15.10 5.16
N ARG A 284 11.86 -16.23 4.61
CA ARG A 284 11.91 -16.48 3.18
C ARG A 284 10.79 -17.45 2.86
N LEU A 285 10.02 -17.19 1.80
CA LEU A 285 8.96 -18.11 1.41
C LEU A 285 9.59 -19.27 0.65
N GLU A 286 9.40 -20.51 1.12
CA GLU A 286 10.01 -21.66 0.47
C GLU A 286 9.27 -22.00 -0.82
N LYS A 287 9.90 -22.82 -1.66
CA LYS A 287 9.30 -23.29 -2.91
C LYS A 287 8.15 -24.27 -2.67
N THR A 288 8.00 -24.75 -1.43
CA THR A 288 6.86 -25.58 -1.08
C THR A 288 5.63 -24.71 -0.82
N ALA A 289 5.77 -23.38 -0.95
CA ALA A 289 4.67 -22.48 -0.67
C ALA A 289 3.60 -22.58 -1.76
N GLU A 290 2.42 -23.12 -1.40
CA GLU A 290 1.29 -23.24 -2.31
C GLU A 290 0.67 -21.87 -2.55
N PRO A 291 0.44 -21.47 -3.84
CA PRO A 291 -0.33 -20.27 -4.14
C PRO A 291 -1.73 -20.32 -3.53
N ASP A 292 -2.25 -19.16 -3.11
CA ASP A 292 -3.66 -18.98 -2.80
C ASP A 292 -4.01 -19.74 -1.51
N THR A 293 -3.11 -19.64 -0.53
CA THR A 293 -3.30 -20.26 0.78
C THR A 293 -2.83 -19.29 1.86
N ALA A 294 -3.51 -19.28 2.99
CA ALA A 294 -3.06 -18.49 4.12
C ALA A 294 -1.81 -19.14 4.71
N ILE A 295 -0.70 -18.38 4.71
CA ILE A 295 0.56 -18.86 5.24
C ILE A 295 0.86 -18.05 6.50
N ASN A 296 0.71 -18.70 7.68
CA ASN A 296 0.60 -18.00 8.96
C ASN A 296 1.92 -17.96 9.72
N ASN A 297 2.03 -16.97 10.62
CA ASN A 297 2.91 -17.06 11.77
C ASN A 297 2.23 -16.48 13.02
N GLU A 298 2.55 -17.02 14.20
CA GLU A 298 2.05 -16.46 15.44
C GLU A 298 3.20 -15.84 16.21
N GLY A 299 3.23 -14.51 16.28
CA GLY A 299 4.04 -13.83 17.28
C GLY A 299 3.47 -14.09 18.68
N GLN A 300 4.36 -14.02 19.69
CA GLN A 300 3.96 -14.24 21.06
C GLN A 300 4.73 -13.31 22.01
N LEU A 301 4.07 -12.99 23.14
CA LEU A 301 4.71 -12.34 24.27
C LEU A 301 4.28 -13.02 25.56
N VAL A 302 5.26 -13.52 26.30
CA VAL A 302 5.02 -14.27 27.52
C VAL A 302 5.71 -13.55 28.67
N THR A 303 4.93 -13.09 29.64
CA THR A 303 5.45 -12.60 30.89
C THR A 303 4.89 -13.50 31.98
N ASP A 304 5.16 -13.16 33.23
CA ASP A 304 4.60 -13.91 34.35
C ASP A 304 3.19 -13.39 34.63
N LYS A 305 2.87 -12.24 34.04
CA LYS A 305 1.59 -11.59 34.28
C LYS A 305 0.60 -11.90 33.15
N HIS A 306 1.07 -12.13 31.90
CA HIS A 306 0.15 -12.39 30.79
C HIS A 306 0.83 -13.02 29.57
N THR A 307 -0.01 -13.49 28.63
CA THR A 307 0.43 -14.02 27.35
C THR A 307 -0.36 -13.34 26.22
N LEU A 308 0.36 -12.84 25.20
CA LEU A 308 -0.28 -12.33 24.01
C LEU A 308 0.22 -13.08 22.77
N THR A 309 -0.73 -13.51 21.95
CA THR A 309 -0.44 -14.12 20.66
C THR A 309 -0.95 -13.17 19.60
N LYS A 310 -0.17 -12.90 18.56
CA LYS A 310 -0.69 -12.18 17.41
C LYS A 310 -0.34 -12.93 16.13
N ARG A 311 -1.35 -13.21 15.29
CA ARG A 311 -1.14 -13.88 14.01
C ARG A 311 -1.04 -12.85 12.89
N ALA A 312 -0.24 -13.20 11.87
CA ALA A 312 -0.15 -12.50 10.61
C ALA A 312 -0.21 -13.54 9.50
N ALA A 313 -0.38 -13.07 8.26
CA ALA A 313 -0.50 -13.98 7.13
C ALA A 313 0.14 -13.38 5.87
N VAL A 314 0.68 -14.26 5.05
CA VAL A 314 1.23 -13.91 3.75
C VAL A 314 0.72 -14.92 2.74
N ARG A 315 0.98 -14.65 1.47
CA ARG A 315 0.48 -15.48 0.40
C ARG A 315 1.37 -15.30 -0.82
N THR A 316 1.39 -16.32 -1.68
CA THR A 316 1.97 -16.16 -2.99
C THR A 316 0.91 -16.53 -4.00
N GLY A 317 1.17 -16.20 -5.27
CA GLY A 317 0.21 -16.38 -6.33
C GLY A 317 0.75 -17.34 -7.38
N GLY A 318 -0.07 -17.59 -8.42
CA GLY A 318 0.26 -18.47 -9.53
C GLY A 318 -0.74 -18.37 -10.69
N LYS A 319 -0.37 -18.97 -11.83
CA LYS A 319 -1.24 -19.05 -12.98
C LYS A 319 -1.04 -20.42 -13.65
N SER A 320 -2.15 -21.15 -13.88
CA SER A 320 -2.13 -22.37 -14.67
C SER A 320 -2.34 -22.03 -16.13
N PHE A 321 -1.81 -22.87 -17.02
CA PHE A 321 -1.98 -22.66 -18.44
C PHE A 321 -2.18 -23.99 -19.13
N VAL A 322 -2.83 -23.95 -20.28
CA VAL A 322 -2.87 -25.08 -21.19
C VAL A 322 -2.61 -24.54 -22.59
N LYS A 323 -1.69 -25.21 -23.29
CA LYS A 323 -1.37 -24.94 -24.67
C LYS A 323 -2.34 -25.68 -25.59
N VAL A 324 -3.01 -24.95 -26.46
CA VAL A 324 -4.01 -25.53 -27.33
C VAL A 324 -3.85 -25.03 -28.76
N ASP A 325 -4.37 -25.79 -29.73
CA ASP A 325 -4.52 -25.28 -31.09
C ASP A 325 -5.46 -24.08 -31.03
N SER A 326 -5.28 -23.14 -31.95
CA SER A 326 -5.95 -21.85 -31.86
C SER A 326 -7.36 -21.91 -32.42
N GLU A 327 -7.68 -22.97 -33.18
CA GLU A 327 -9.03 -23.16 -33.70
C GLU A 327 -9.81 -24.11 -32.79
N ASN A 328 -9.17 -25.17 -32.32
CA ASN A 328 -9.82 -26.20 -31.52
C ASN A 328 -8.98 -26.41 -30.27
N ALA A 329 -9.57 -26.04 -29.12
CA ALA A 329 -8.89 -26.05 -27.85
C ALA A 329 -8.90 -27.45 -27.23
N LYS A 330 -9.71 -28.36 -27.79
CA LYS A 330 -9.68 -29.76 -27.38
C LYS A 330 -8.39 -30.43 -27.86
N ILE A 331 -7.62 -29.74 -28.72
CA ILE A 331 -6.31 -30.22 -29.15
C ILE A 331 -5.22 -29.59 -28.28
N THR A 332 -4.72 -30.37 -27.31
CA THR A 332 -3.69 -29.92 -26.38
C THR A 332 -2.32 -30.32 -26.90
N LEU A 333 -1.33 -29.43 -26.70
CA LEU A 333 -0.03 -29.54 -27.35
C LEU A 333 1.12 -29.65 -26.34
N PRO A 334 1.75 -30.83 -26.19
CA PRO A 334 2.97 -30.97 -25.40
C PRO A 334 4.20 -30.27 -25.97
N GLU A 335 5.23 -30.10 -25.13
CA GLU A 335 6.58 -29.80 -25.59
C GLU A 335 6.68 -28.34 -26.06
N ALA A 336 5.70 -27.51 -25.68
CA ALA A 336 5.81 -26.08 -25.92
C ALA A 336 6.61 -25.46 -24.78
N VAL A 337 7.55 -24.55 -25.08
CA VAL A 337 8.47 -24.04 -24.05
C VAL A 337 8.37 -22.53 -23.95
N PHE A 338 8.21 -22.05 -22.71
CA PHE A 338 8.00 -20.63 -22.47
C PHE A 338 9.00 -20.16 -21.42
N ILE A 339 9.19 -18.83 -21.41
CA ILE A 339 9.84 -18.15 -20.30
C ILE A 339 8.93 -17.00 -19.89
N VAL A 340 9.18 -16.43 -18.71
CA VAL A 340 8.26 -15.47 -18.14
C VAL A 340 8.97 -14.14 -17.97
N LYS A 341 8.24 -13.06 -18.25
CA LYS A 341 8.76 -11.71 -18.13
C LYS A 341 7.82 -10.86 -17.28
N ASN A 342 8.37 -9.82 -16.66
CA ASN A 342 7.61 -8.82 -15.95
C ASN A 342 7.37 -7.65 -16.91
N GLN A 343 6.80 -6.53 -16.42
CA GLN A 343 6.48 -5.39 -17.26
C GLN A 343 7.74 -4.56 -17.50
N ALA A 344 8.85 -4.90 -16.82
CA ALA A 344 10.11 -4.20 -17.05
C ALA A 344 10.87 -4.82 -18.22
N GLY A 345 10.43 -6.00 -18.67
CA GLY A 345 11.18 -6.75 -19.67
C GLY A 345 12.35 -7.49 -19.02
N GLU A 346 12.18 -7.89 -17.76
CA GLU A 346 13.09 -8.81 -17.10
C GLU A 346 12.52 -10.23 -17.18
N TYR A 347 13.41 -11.21 -17.02
CA TYR A 347 13.08 -12.61 -17.19
C TYR A 347 13.17 -13.30 -15.83
N LEU A 348 12.37 -14.34 -15.65
CA LEU A 348 12.35 -15.06 -14.39
C LEU A 348 13.45 -16.13 -14.38
N ASN A 349 14.32 -16.06 -13.37
CA ASN A 349 15.34 -17.07 -13.13
C ASN A 349 15.12 -17.71 -11.77
N GLU A 350 15.36 -19.03 -11.66
CA GLU A 350 15.35 -19.71 -10.38
C GLU A 350 16.77 -19.60 -9.81
N THR A 351 16.85 -19.19 -8.54
CA THR A 351 18.13 -19.00 -7.88
C THR A 351 17.93 -19.22 -6.39
N GLY A 354 14.50 -19.38 -4.27
CA GLY A 354 13.25 -19.26 -5.06
C GLY A 354 13.50 -18.56 -6.39
N TYR A 355 12.86 -17.41 -6.61
CA TYR A 355 12.91 -16.71 -7.87
C TYR A 355 13.72 -15.43 -7.75
N ARG A 356 13.94 -14.79 -8.92
CA ARG A 356 14.65 -13.54 -9.08
C ARG A 356 14.35 -13.03 -10.49
N TRP A 357 14.17 -11.71 -10.62
CA TRP A 357 14.00 -11.10 -11.92
C TRP A 357 15.35 -10.61 -12.39
N GLN A 358 15.72 -10.88 -13.64
CA GLN A 358 17.01 -10.41 -14.13
C GLN A 358 17.01 -10.20 -15.63
N LYS A 359 18.14 -9.70 -16.14
CA LYS A 359 18.24 -9.11 -17.46
C LYS A 359 18.40 -10.18 -18.54
N GLU A 360 19.07 -11.30 -18.19
CA GLU A 360 19.54 -12.28 -19.17
C GLU A 360 18.44 -13.28 -19.54
N LYS A 361 18.04 -13.26 -20.81
CA LYS A 361 17.04 -14.18 -21.32
C LYS A 361 17.58 -15.60 -21.26
N ALA A 362 18.89 -15.74 -21.47
CA ALA A 362 19.54 -17.04 -21.56
C ALA A 362 19.40 -17.83 -20.27
N LEU A 363 19.38 -17.13 -19.12
CA LEU A 363 19.28 -17.80 -17.84
C LEU A 363 17.83 -17.92 -17.38
N ALA A 364 16.88 -17.69 -18.28
CA ALA A 364 15.49 -17.71 -17.86
C ALA A 364 15.06 -19.13 -17.55
N LYS A 365 14.25 -19.28 -16.48
CA LYS A 365 13.53 -20.50 -16.21
C LYS A 365 12.62 -20.82 -17.39
N LYS A 366 12.59 -22.11 -17.75
CA LYS A 366 11.86 -22.59 -18.89
C LYS A 366 10.76 -23.55 -18.45
N ILE A 367 9.51 -23.17 -18.74
CA ILE A 367 8.34 -23.98 -18.42
C ILE A 367 7.86 -24.67 -19.70
N THR A 368 7.52 -25.95 -19.57
CA THR A 368 7.16 -26.79 -20.71
C THR A 368 5.76 -27.34 -20.51
N SER A 369 4.96 -27.31 -21.58
CA SER A 369 3.68 -27.99 -21.60
C SER A 369 3.86 -29.50 -21.54
N ASN A 370 3.15 -30.14 -20.60
CA ASN A 370 3.22 -31.57 -20.39
C ASN A 370 2.30 -32.27 -21.38
N GLN A 371 2.04 -33.57 -21.14
CA GLN A 371 1.31 -34.38 -22.11
C GLN A 371 -0.12 -33.89 -22.28
N ALA A 372 -0.70 -33.26 -21.25
CA ALA A 372 -2.03 -32.68 -21.34
C ALA A 372 -2.01 -31.25 -21.90
N GLY A 373 -0.83 -30.74 -22.25
CA GLY A 373 -0.67 -29.36 -22.69
C GLY A 373 -0.52 -28.39 -21.53
N GLU A 374 -0.67 -28.90 -20.29
CA GLU A 374 -0.83 -28.09 -19.09
C GLU A 374 0.54 -27.68 -18.56
N PHE A 375 0.61 -26.50 -17.96
CA PHE A 375 1.81 -26.04 -17.29
C PHE A 375 1.45 -24.85 -16.42
N SER A 376 2.37 -24.46 -15.56
CA SER A 376 2.00 -23.38 -14.67
C SER A 376 3.24 -22.68 -14.14
N VAL A 377 3.00 -21.49 -13.59
CA VAL A 377 3.95 -20.78 -12.76
C VAL A 377 3.31 -20.60 -11.39
N LYS A 378 4.01 -21.02 -10.34
CA LYS A 378 3.55 -20.94 -8.97
C LYS A 378 4.61 -20.13 -8.25
N GLY A 379 4.22 -19.26 -7.32
CA GLY A 379 5.18 -18.56 -6.47
C GLY A 379 5.49 -17.13 -6.93
N LEU A 380 4.53 -16.46 -7.57
CA LEU A 380 4.68 -15.05 -7.90
C LEU A 380 3.72 -14.19 -7.09
N LYS A 381 4.16 -12.98 -6.77
CA LYS A 381 3.30 -11.96 -6.20
C LYS A 381 2.27 -11.50 -7.24
N ASP A 382 1.31 -10.67 -6.84
CA ASP A 382 0.32 -10.17 -7.77
C ASP A 382 1.01 -9.24 -8.75
N GLY A 383 0.56 -9.29 -10.01
CA GLY A 383 1.10 -8.42 -11.03
C GLY A 383 0.64 -8.85 -12.40
N GLN A 384 1.11 -8.13 -13.42
CA GLN A 384 0.93 -8.50 -14.81
C GLN A 384 2.26 -9.07 -15.32
N TYR A 385 2.21 -10.26 -15.92
CA TYR A 385 3.41 -10.86 -16.49
C TYR A 385 3.18 -11.24 -17.95
N PHE A 386 4.20 -11.89 -18.55
CA PHE A 386 4.08 -12.40 -19.90
C PHE A 386 4.81 -13.72 -20.05
N LEU A 387 4.24 -14.63 -20.84
CA LEU A 387 4.95 -15.73 -21.46
C LEU A 387 5.59 -15.28 -22.76
N GLU A 388 6.79 -15.79 -23.06
CA GLU A 388 7.38 -15.64 -24.37
C GLU A 388 7.77 -17.04 -24.85
N GLU A 389 7.15 -17.49 -25.94
CA GLU A 389 7.42 -18.84 -26.41
C GLU A 389 8.84 -18.83 -26.96
N ILE A 390 9.62 -19.88 -26.64
CA ILE A 390 10.94 -20.03 -27.22
C ILE A 390 11.02 -21.31 -28.05
N SER A 391 10.00 -22.16 -27.97
CA SER A 391 9.97 -23.41 -28.71
C SER A 391 8.53 -23.85 -28.93
N ALA A 392 8.17 -23.97 -30.22
CA ALA A 392 6.80 -24.27 -30.61
C ALA A 392 6.58 -25.79 -30.61
N PRO A 393 5.36 -26.27 -30.29
CA PRO A 393 5.05 -27.67 -30.52
C PRO A 393 5.30 -28.01 -31.99
N LYS A 394 5.58 -29.28 -32.28
CA LYS A 394 5.82 -29.71 -33.64
C LYS A 394 4.55 -29.51 -34.46
N GLY A 395 4.71 -28.85 -35.62
CA GLY A 395 3.61 -28.59 -36.54
C GLY A 395 2.97 -27.23 -36.33
N TYR A 396 3.54 -26.41 -35.43
CA TYR A 396 2.92 -25.15 -35.07
C TYR A 396 3.93 -24.01 -35.24
N LEU A 397 3.41 -22.80 -35.38
CA LEU A 397 4.22 -21.63 -35.56
C LEU A 397 4.70 -21.16 -34.20
N LEU A 398 5.90 -20.61 -34.18
CA LEU A 398 6.42 -19.93 -33.00
C LEU A 398 6.04 -18.45 -33.02
N ASN A 399 4.98 -18.09 -32.29
CA ASN A 399 4.71 -16.69 -31.98
C ASN A 399 5.63 -16.26 -30.83
N GLN A 400 6.28 -15.11 -31.00
CA GLN A 400 7.20 -14.59 -29.98
C GLN A 400 6.62 -13.37 -29.28
N THR A 401 5.48 -12.87 -29.79
CA THR A 401 4.71 -11.86 -29.10
C THR A 401 4.54 -12.26 -27.63
N GLU A 402 4.62 -11.28 -26.73
CA GLU A 402 4.39 -11.54 -25.32
C GLU A 402 2.92 -11.91 -25.12
N ILE A 403 2.67 -13.03 -24.45
CA ILE A 403 1.33 -13.48 -24.14
C ILE A 403 1.00 -13.10 -22.71
N PRO A 404 0.13 -12.09 -22.48
CA PRO A 404 -0.13 -11.60 -21.13
C PRO A 404 -0.94 -12.55 -20.25
N PHE A 405 -0.63 -12.52 -18.95
CA PHE A 405 -1.40 -13.17 -17.90
C PHE A 405 -1.22 -12.39 -16.60
N THR A 406 -2.19 -12.54 -15.70
CA THR A 406 -2.22 -11.86 -14.42
C THR A 406 -2.18 -12.88 -13.30
N VAL A 407 -1.29 -12.68 -12.33
CA VAL A 407 -1.39 -13.31 -11.04
C VAL A 407 -2.16 -12.40 -10.10
N GLU A 408 -3.21 -12.94 -9.48
CA GLU A 408 -3.99 -12.24 -8.46
C GLU A 408 -4.57 -13.26 -7.49
N LYS A 409 -5.09 -12.80 -6.34
CA LYS A 409 -5.81 -13.66 -5.41
C LYS A 409 -6.76 -14.58 -6.17
N ASN A 410 -6.56 -15.89 -6.03
CA ASN A 410 -7.44 -16.92 -6.59
C ASN A 410 -7.18 -17.16 -8.08
N SER A 411 -6.09 -16.62 -8.63
CA SER A 411 -5.77 -16.87 -10.03
C SER A 411 -5.25 -18.28 -10.25
N TYR A 412 -4.88 -18.94 -9.15
CA TYR A 412 -4.37 -20.30 -9.17
C TYR A 412 -5.43 -21.26 -8.64
N ALA A 413 -5.96 -20.93 -7.45
CA ALA A 413 -6.88 -21.82 -6.77
C ALA A 413 -7.74 -21.03 -5.79
N THR A 414 -8.82 -21.67 -5.34
CA THR A 414 -9.62 -21.16 -4.23
C THR A 414 -9.81 -22.30 -3.25
N ASN A 415 -9.13 -22.18 -2.10
CA ASN A 415 -9.23 -23.20 -1.06
C ASN A 415 -8.99 -24.59 -1.64
N GLY A 416 -7.95 -24.70 -2.48
CA GLY A 416 -7.53 -25.98 -3.04
C GLY A 416 -8.24 -26.36 -4.33
N GLN A 417 -9.32 -25.64 -4.69
CA GLN A 417 -10.01 -25.87 -5.96
C GLN A 417 -9.27 -25.06 -7.04
N ARG A 418 -8.58 -25.76 -7.96
CA ARG A 418 -7.77 -25.11 -8.98
C ARG A 418 -8.63 -24.31 -9.97
N THR A 419 -8.26 -23.04 -10.13
CA THR A 419 -8.86 -22.14 -11.10
C THR A 419 -8.56 -22.64 -12.50
N ALA A 420 -9.54 -22.49 -13.42
CA ALA A 420 -9.38 -22.99 -14.77
C ALA A 420 -8.11 -22.39 -15.38
N PRO A 421 -7.36 -23.17 -16.18
CA PRO A 421 -6.17 -22.66 -16.88
C PRO A 421 -6.48 -21.67 -18.00
N LEU A 422 -5.57 -20.71 -18.19
CA LEU A 422 -5.61 -19.83 -19.34
C LEU A 422 -5.10 -20.58 -20.56
N HIS A 423 -5.90 -20.56 -21.64
CA HIS A 423 -5.48 -21.15 -22.91
C HIS A 423 -4.39 -20.28 -23.51
N VAL A 424 -3.29 -20.91 -23.90
CA VAL A 424 -2.27 -20.28 -24.73
C VAL A 424 -2.37 -20.89 -26.14
N ILE A 425 -2.70 -20.06 -27.14
CA ILE A 425 -3.07 -20.57 -28.45
C ILE A 425 -1.82 -20.68 -29.33
N ASN A 426 -1.78 -21.75 -30.13
CA ASN A 426 -0.74 -21.98 -31.11
C ASN A 426 -1.41 -22.14 -32.48
N LYS A 427 -0.93 -21.40 -33.50
CA LYS A 427 -1.41 -21.50 -34.87
C LYS A 427 -0.70 -22.64 -35.59
N LYS A 428 -1.49 -23.54 -36.19
CA LYS A 428 -0.98 -24.66 -36.97
C LYS A 428 -0.37 -24.11 -38.26
N VAL A 429 0.68 -24.79 -38.75
CA VAL A 429 1.48 -24.24 -39.83
C VAL A 429 0.82 -24.61 -41.15
N LYS A 430 1.01 -23.76 -42.17
CA LYS A 430 0.32 -23.86 -43.45
C LYS A 430 0.89 -25.05 -44.23
N HIS B 33 -10.51 -1.61 -51.53
CA HIS B 33 -9.72 -0.94 -50.45
C HIS B 33 -10.53 0.23 -49.89
N LYS B 34 -11.50 -0.13 -49.03
CA LYS B 34 -12.24 0.84 -48.24
C LYS B 34 -11.28 1.81 -47.58
N LEU B 35 -11.62 3.10 -47.63
CA LEU B 35 -10.72 4.11 -47.10
C LEU B 35 -11.58 5.18 -46.44
N LEU B 36 -11.21 5.59 -45.22
CA LEU B 36 -12.03 6.50 -44.45
C LEU B 36 -11.28 7.81 -44.27
N PHE B 37 -11.96 8.91 -44.58
CA PHE B 37 -11.38 10.25 -44.47
C PHE B 37 -12.19 11.04 -43.43
N PRO B 38 -11.52 11.79 -42.53
CA PRO B 38 -12.21 12.65 -41.57
C PRO B 38 -13.29 13.52 -42.23
N ASP B 39 -14.39 13.76 -41.50
CA ASP B 39 -15.46 14.62 -41.96
C ASP B 39 -14.86 15.91 -42.53
N GLY B 40 -15.30 16.30 -43.74
CA GLY B 40 -14.83 17.53 -44.37
C GLY B 40 -13.53 17.30 -45.15
N GLN B 41 -13.46 16.16 -45.83
CA GLN B 41 -12.34 15.83 -46.70
C GLN B 41 -12.72 14.56 -47.49
N TYR B 59 -5.83 9.45 -44.28
CA TYR B 59 -6.90 8.41 -44.33
C TYR B 59 -6.39 7.10 -43.74
N ARG B 60 -7.31 6.14 -43.53
CA ARG B 60 -6.93 4.81 -43.05
C ARG B 60 -7.88 3.76 -43.60
N GLY B 61 -7.43 2.50 -43.53
CA GLY B 61 -8.22 1.37 -44.00
C GLY B 61 -9.33 1.07 -43.00
N LEU B 62 -10.51 0.71 -43.48
CA LEU B 62 -11.65 0.54 -42.61
C LEU B 62 -12.22 -0.88 -42.72
N ASN B 63 -12.19 -1.60 -41.60
CA ASN B 63 -12.79 -2.92 -41.48
C ASN B 63 -14.28 -2.78 -41.19
N ASP B 64 -14.99 -3.93 -41.30
CA ASP B 64 -16.36 -4.11 -40.83
C ASP B 64 -17.36 -3.55 -41.84
N VAL B 65 -16.91 -3.34 -43.09
CA VAL B 65 -17.77 -2.81 -44.14
C VAL B 65 -18.25 -3.99 -44.99
N THR B 66 -19.55 -4.02 -45.30
CA THR B 66 -20.10 -5.07 -46.14
C THR B 66 -20.23 -4.54 -47.57
N TYR B 67 -19.57 -5.22 -48.53
CA TYR B 67 -19.71 -4.90 -49.94
C TYR B 67 -20.47 -6.00 -50.67
N GLN B 68 -21.50 -5.56 -51.42
CA GLN B 68 -22.31 -6.46 -52.22
C GLN B 68 -21.90 -6.34 -53.68
N VAL B 69 -22.08 -7.45 -54.42
CA VAL B 69 -21.65 -7.56 -55.80
C VAL B 69 -22.82 -8.10 -56.61
N TYR B 70 -23.39 -7.22 -57.45
CA TYR B 70 -24.53 -7.54 -58.29
C TYR B 70 -24.05 -7.86 -59.70
N ASP B 71 -24.76 -8.77 -60.36
CA ASP B 71 -24.64 -8.97 -61.81
C ASP B 71 -25.50 -7.92 -62.52
N VAL B 72 -24.87 -6.84 -63.01
CA VAL B 72 -25.55 -5.79 -63.75
C VAL B 72 -25.25 -5.98 -65.25
N GLN B 90 -23.52 2.89 -67.15
CA GLN B 90 -22.91 2.46 -65.85
C GLN B 90 -23.31 3.42 -64.73
N ARG B 91 -23.34 4.73 -65.03
CA ARG B 91 -23.90 5.73 -64.13
C ARG B 91 -25.29 5.26 -63.67
N GLN B 92 -26.17 4.96 -64.65
CA GLN B 92 -27.56 4.56 -64.41
C GLN B 92 -27.66 3.13 -63.88
N LEU B 93 -26.59 2.35 -64.02
CA LEU B 93 -26.48 1.06 -63.35
C LEU B 93 -26.19 1.26 -61.85
N ALA B 94 -25.47 2.33 -61.49
CA ALA B 94 -25.12 2.60 -60.10
C ALA B 94 -26.35 2.99 -59.29
N GLU B 95 -27.27 3.75 -59.91
CA GLU B 95 -28.34 4.44 -59.20
C GLU B 95 -29.50 3.49 -58.91
N THR B 96 -29.87 2.68 -59.92
CA THR B 96 -31.10 1.89 -59.85
C THR B 96 -30.82 0.39 -59.88
N GLY B 97 -29.57 -0.01 -60.20
CA GLY B 97 -29.26 -1.35 -60.66
C GLY B 97 -29.32 -2.42 -59.56
N ALA B 98 -29.52 -1.99 -58.32
CA ALA B 98 -29.61 -2.90 -57.17
C ALA B 98 -31.06 -3.23 -56.84
N MET B 99 -32.02 -2.47 -57.39
CA MET B 99 -33.43 -2.62 -57.06
C MET B 99 -33.91 -4.03 -57.43
N ILE B 104 -25.11 -11.63 -55.75
CA ILE B 104 -24.52 -12.99 -55.95
C ILE B 104 -23.23 -13.15 -55.14
N ALA B 105 -22.76 -12.07 -54.52
CA ALA B 105 -21.73 -12.17 -53.50
C ALA B 105 -21.82 -11.01 -52.50
N GLU B 106 -21.47 -11.32 -51.26
CA GLU B 106 -21.34 -10.35 -50.19
C GLU B 106 -20.16 -10.78 -49.31
N ASP B 107 -19.36 -9.81 -48.88
CA ASP B 107 -18.16 -10.10 -48.12
C ASP B 107 -17.81 -8.89 -47.26
N LYS B 108 -16.99 -9.12 -46.24
CA LYS B 108 -16.70 -8.15 -45.21
C LYS B 108 -15.26 -7.67 -45.35
N THR B 109 -15.03 -6.36 -45.25
CA THR B 109 -13.67 -5.85 -45.25
C THR B 109 -12.98 -6.31 -43.97
N GLN B 110 -11.71 -6.73 -44.12
CA GLN B 110 -10.89 -7.23 -43.03
C GLN B 110 -9.43 -6.92 -43.33
N THR B 111 -8.54 -7.20 -42.35
CA THR B 111 -7.12 -6.87 -42.44
C THR B 111 -6.42 -7.91 -43.29
N GLY B 114 -1.84 -7.06 -42.44
CA GLY B 114 -1.27 -5.71 -42.57
C GLY B 114 -2.33 -4.68 -42.96
N GLU B 115 -2.63 -4.59 -44.27
CA GLU B 115 -3.52 -3.57 -44.78
C GLU B 115 -4.94 -3.78 -44.23
N ASP B 116 -5.55 -2.66 -43.82
CA ASP B 116 -6.89 -2.64 -43.26
C ASP B 116 -7.92 -2.40 -44.36
N GLY B 117 -9.08 -3.05 -44.23
CA GLY B 117 -10.25 -2.70 -45.02
C GLY B 117 -10.18 -3.27 -46.43
N VAL B 118 -9.88 -4.57 -46.50
CA VAL B 118 -9.62 -5.26 -47.75
C VAL B 118 -10.70 -6.32 -47.93
N VAL B 119 -11.28 -6.33 -49.14
CA VAL B 119 -12.27 -7.32 -49.53
C VAL B 119 -12.03 -7.61 -51.02
N SER B 120 -12.13 -8.89 -51.41
CA SER B 120 -12.02 -9.29 -52.81
C SER B 120 -13.21 -10.17 -53.19
N LYS B 133 -18.07 -9.83 -67.95
CA LYS B 133 -19.40 -9.38 -67.45
C LYS B 133 -19.33 -7.93 -67.00
N ALA B 134 -20.46 -7.43 -66.51
CA ALA B 134 -20.50 -6.15 -65.82
C ALA B 134 -21.02 -6.38 -64.40
N TYR B 135 -20.46 -5.62 -63.44
CA TYR B 135 -20.69 -5.84 -62.02
C TYR B 135 -20.85 -4.51 -61.29
N LEU B 136 -21.65 -4.51 -60.22
CA LEU B 136 -21.89 -3.32 -59.42
C LEU B 136 -21.48 -3.60 -57.98
N PHE B 137 -20.82 -2.61 -57.36
CA PHE B 137 -20.31 -2.75 -56.00
C PHE B 137 -21.05 -1.79 -55.08
N VAL B 138 -21.76 -2.36 -54.10
CA VAL B 138 -22.60 -1.61 -53.18
C VAL B 138 -22.07 -1.79 -51.76
N GLU B 139 -21.88 -0.65 -51.08
CA GLU B 139 -21.64 -0.62 -49.65
C GLU B 139 -22.97 -0.76 -48.92
N ALA B 140 -23.16 -1.90 -48.24
CA ALA B 140 -24.46 -2.29 -47.71
C ALA B 140 -24.57 -1.97 -46.22
N GLU B 141 -23.52 -2.27 -45.48
CA GLU B 141 -23.49 -1.99 -44.05
C GLU B 141 -22.08 -1.52 -43.71
N ALA B 142 -22.00 -0.53 -42.83
CA ALA B 142 -20.73 0.12 -42.54
C ALA B 142 -20.64 0.42 -41.06
N PRO B 143 -19.40 0.50 -40.50
CA PRO B 143 -19.18 0.92 -39.13
C PRO B 143 -19.82 2.25 -38.79
N GLU B 144 -20.20 2.39 -37.52
CA GLU B 144 -20.87 3.56 -37.00
C GLU B 144 -20.11 4.84 -37.36
N VAL B 145 -18.78 4.73 -37.52
CA VAL B 145 -17.93 5.90 -37.77
C VAL B 145 -18.21 6.52 -39.15
N VAL B 146 -18.85 5.77 -40.06
CA VAL B 146 -19.03 6.21 -41.43
C VAL B 146 -20.28 7.10 -41.50
N LYS B 147 -20.07 8.38 -41.85
CA LYS B 147 -21.14 9.33 -42.11
C LYS B 147 -21.67 9.10 -43.53
N GLU B 148 -20.77 9.21 -44.52
CA GLU B 148 -21.14 9.13 -45.93
C GLU B 148 -20.40 7.93 -46.54
N LYS B 149 -21.18 7.00 -47.08
CA LYS B 149 -20.65 5.82 -47.72
C LYS B 149 -20.10 6.19 -49.09
N ALA B 150 -19.22 5.34 -49.63
CA ALA B 150 -18.75 5.54 -50.98
C ALA B 150 -19.89 5.24 -51.95
N SER B 151 -19.87 5.97 -53.07
CA SER B 151 -20.80 5.75 -54.17
C SER B 151 -20.57 4.37 -54.75
N ASN B 152 -21.63 3.76 -55.26
CA ASN B 152 -21.53 2.46 -55.89
C ASN B 152 -20.60 2.56 -57.11
N LEU B 153 -19.69 1.58 -57.27
CA LEU B 153 -18.78 1.56 -58.40
C LEU B 153 -19.20 0.46 -59.39
N VAL B 154 -19.18 0.80 -60.69
CA VAL B 154 -19.54 -0.11 -61.76
C VAL B 154 -18.29 -0.45 -62.60
N MET B 155 -18.00 -1.75 -62.77
CA MET B 155 -16.79 -2.22 -63.44
C MET B 155 -17.14 -3.01 -64.71
N TYR B 173 -10.63 1.46 -54.95
CA TYR B 173 -10.25 2.43 -53.89
C TYR B 173 -11.48 3.22 -53.40
N PRO B 174 -12.55 2.55 -52.88
CA PRO B 174 -13.73 3.26 -52.39
C PRO B 174 -13.43 4.20 -51.22
N LYS B 175 -14.21 5.27 -51.09
CA LYS B 175 -13.81 6.43 -50.31
C LYS B 175 -14.95 6.84 -49.38
N ASN B 176 -14.65 6.78 -48.07
CA ASN B 176 -15.63 6.98 -47.02
C ASN B 176 -15.30 8.23 -46.23
N GLU B 177 -16.38 8.90 -45.83
CA GLU B 177 -16.32 10.08 -45.01
C GLU B 177 -16.72 9.70 -43.59
N GLU B 178 -15.93 10.15 -42.60
CA GLU B 178 -16.16 9.82 -41.21
C GLU B 178 -17.15 10.81 -40.60
N ASN B 179 -17.93 10.36 -39.63
CA ASN B 179 -18.66 11.25 -38.75
C ASN B 179 -17.68 12.20 -38.05
N ALA B 180 -18.16 13.35 -37.60
CA ALA B 180 -17.42 14.22 -36.71
C ALA B 180 -17.52 13.69 -35.28
N TYR B 181 -16.38 13.70 -34.57
CA TYR B 181 -16.29 13.26 -33.19
C TYR B 181 -15.44 14.26 -32.43
N ASP B 182 -15.90 14.61 -31.22
CA ASP B 182 -15.14 15.51 -30.38
C ASP B 182 -13.93 14.74 -29.84
N LEU B 183 -12.87 15.48 -29.55
CA LEU B 183 -11.70 14.93 -28.88
C LEU B 183 -12.13 14.34 -27.54
N PRO B 184 -11.52 13.23 -27.07
CA PRO B 184 -11.91 12.62 -25.80
C PRO B 184 -11.55 13.53 -24.62
N PRO B 185 -12.41 13.59 -23.57
CA PRO B 185 -12.11 14.43 -22.41
C PRO B 185 -11.15 13.81 -21.40
N LEU B 186 -10.65 14.64 -20.49
CA LEU B 186 -9.90 14.14 -19.34
C LEU B 186 -10.47 14.78 -18.06
N GLU B 187 -10.84 13.95 -17.08
CA GLU B 187 -11.18 14.43 -15.74
C GLU B 187 -10.19 13.79 -14.78
N LYS B 188 -9.64 14.58 -13.85
CA LYS B 188 -8.87 14.03 -12.72
C LYS B 188 -9.58 14.36 -11.41
N THR B 189 -9.71 13.33 -10.56
CA THR B 189 -10.51 13.45 -9.35
C THR B 189 -9.78 12.78 -8.20
N VAL B 190 -9.84 13.42 -7.02
CA VAL B 190 -9.38 12.80 -5.78
C VAL B 190 -10.61 12.46 -4.94
N LEU B 191 -10.68 11.24 -4.40
CA LEU B 191 -11.83 10.83 -3.60
C LEU B 191 -11.71 11.42 -2.19
N ASP B 192 -12.87 11.77 -1.59
CA ASP B 192 -12.99 12.04 -0.18
C ASP B 192 -11.95 13.05 0.32
N LYS B 193 -11.89 14.20 -0.37
CA LYS B 193 -10.80 15.14 -0.18
C LYS B 193 -11.21 16.38 0.62
N GLN B 194 -12.45 16.40 1.12
CA GLN B 194 -12.97 17.60 1.75
C GLN B 194 -12.26 17.91 3.06
N GLN B 195 -11.89 16.89 3.85
CA GLN B 195 -11.30 17.14 5.15
C GLN B 195 -9.77 17.10 5.10
N GLY B 196 -9.19 16.91 3.92
CA GLY B 196 -7.75 16.74 3.82
C GLY B 196 -7.37 15.29 4.13
N PHE B 197 -6.08 15.07 4.45
CA PHE B 197 -5.55 13.72 4.60
C PHE B 197 -4.42 13.70 5.64
N ASN B 198 -4.22 12.52 6.22
CA ASN B 198 -3.14 12.34 7.19
C ASN B 198 -1.87 12.02 6.41
N GLN B 199 -0.71 12.41 6.93
CA GLN B 199 0.53 11.88 6.37
C GLN B 199 0.48 10.36 6.49
N GLY B 200 0.76 9.67 5.37
CA GLY B 200 0.82 8.21 5.35
C GLY B 200 -0.44 7.58 4.77
N GLU B 201 -1.51 8.37 4.67
CA GLU B 201 -2.79 7.84 4.23
C GLU B 201 -2.75 7.56 2.73
N HIS B 202 -3.42 6.48 2.31
CA HIS B 202 -3.50 6.07 0.91
C HIS B 202 -4.63 6.82 0.21
N ILE B 203 -4.28 7.95 -0.41
CA ILE B 203 -5.22 8.81 -1.11
C ILE B 203 -5.57 8.16 -2.44
N ASN B 204 -6.86 8.14 -2.77
CA ASN B 204 -7.40 7.48 -3.97
C ASN B 204 -7.65 8.50 -5.09
N TYR B 205 -7.05 8.24 -6.25
CA TYR B 205 -7.07 9.16 -7.38
C TYR B 205 -7.75 8.47 -8.56
N GLN B 206 -8.39 9.27 -9.40
CA GLN B 206 -9.02 8.75 -10.61
C GLN B 206 -8.65 9.64 -11.80
N LEU B 207 -8.22 8.99 -12.89
CA LEU B 207 -8.21 9.61 -14.21
C LEU B 207 -9.35 8.99 -14.99
N THR B 208 -10.25 9.82 -15.53
CA THR B 208 -11.38 9.34 -16.31
C THR B 208 -11.24 9.86 -17.74
N THR B 209 -11.57 9.03 -18.72
CA THR B 209 -11.67 9.51 -20.08
C THR B 209 -12.72 8.69 -20.81
N GLN B 210 -12.93 9.08 -22.08
CA GLN B 210 -13.86 8.40 -22.98
C GLN B 210 -13.09 8.00 -24.23
N ILE B 211 -12.98 6.69 -24.42
CA ILE B 211 -12.39 6.10 -25.61
C ILE B 211 -13.31 6.42 -26.78
N PRO B 212 -12.87 7.22 -27.77
CA PRO B 212 -13.78 7.74 -28.80
C PRO B 212 -14.16 6.62 -29.73
N ALA B 213 -15.31 6.78 -30.39
CA ALA B 213 -15.80 5.79 -31.33
C ALA B 213 -14.83 5.59 -32.50
N ASN B 214 -14.02 6.61 -32.81
CA ASN B 214 -13.05 6.52 -33.90
C ASN B 214 -11.61 6.37 -33.39
N ILE B 215 -11.41 5.58 -32.32
CA ILE B 215 -10.10 5.44 -31.69
C ILE B 215 -9.09 4.82 -32.66
N LEU B 216 -9.55 4.03 -33.62
CA LEU B 216 -8.67 3.42 -34.61
C LEU B 216 -7.98 4.48 -35.47
N GLY B 217 -8.46 5.74 -35.38
CA GLY B 217 -7.92 6.83 -36.18
C GLY B 217 -6.76 7.55 -35.48
N TYR B 218 -6.55 7.22 -34.21
CA TYR B 218 -5.49 7.83 -33.44
C TYR B 218 -4.23 7.00 -33.60
N GLN B 219 -3.08 7.64 -33.38
CA GLN B 219 -1.80 6.96 -33.43
C GLN B 219 -1.24 6.77 -32.03
N GLU B 220 -1.44 7.75 -31.15
CA GLU B 220 -1.02 7.65 -29.76
C GLU B 220 -2.21 7.90 -28.84
N PHE B 221 -2.13 7.32 -27.64
CA PHE B 221 -3.11 7.53 -26.59
C PHE B 221 -2.46 7.11 -25.27
N ARG B 222 -1.97 8.11 -24.53
CA ARG B 222 -1.09 7.91 -23.40
C ARG B 222 -1.67 8.63 -22.19
N LEU B 223 -1.91 7.89 -21.09
CA LEU B 223 -2.35 8.47 -19.83
C LEU B 223 -1.19 8.53 -18.86
N SER B 224 -1.07 9.67 -18.15
CA SER B 224 0.06 9.87 -17.26
C SER B 224 -0.34 10.81 -16.12
N ASP B 225 0.41 10.71 -15.02
CA ASP B 225 0.19 11.53 -13.85
C ASP B 225 1.54 11.94 -13.29
N LYS B 226 1.56 13.13 -12.69
CA LYS B 226 2.79 13.63 -12.13
C LYS B 226 2.43 14.46 -10.90
N ALA B 227 2.93 14.00 -9.74
CA ALA B 227 2.57 14.59 -8.46
C ALA B 227 3.77 15.34 -7.89
N ASP B 228 3.47 16.31 -7.02
CA ASP B 228 4.50 16.93 -6.19
C ASP B 228 5.28 15.83 -5.45
N THR B 229 6.51 16.17 -5.01
CA THR B 229 7.44 15.18 -4.49
C THR B 229 7.04 14.70 -3.09
N THR B 230 5.98 15.28 -2.50
CA THR B 230 5.49 14.83 -1.21
C THR B 230 4.35 13.83 -1.35
N LEU B 231 4.04 13.42 -2.60
CA LEU B 231 3.10 12.35 -2.89
C LEU B 231 3.84 11.19 -3.54
N THR B 232 3.88 10.06 -2.84
CA THR B 232 4.58 8.89 -3.32
C THR B 232 3.57 7.94 -3.95
N LEU B 233 3.82 7.62 -5.21
CA LEU B 233 2.95 6.74 -5.95
C LEU B 233 3.03 5.34 -5.38
N LEU B 234 1.86 4.70 -5.28
CA LEU B 234 1.84 3.27 -4.99
C LEU B 234 1.68 2.59 -6.34
N PRO B 235 2.78 2.06 -6.90
CA PRO B 235 2.76 1.53 -8.27
C PRO B 235 1.90 0.30 -8.52
N GLU B 236 1.65 -0.48 -7.45
CA GLU B 236 0.87 -1.70 -7.57
C GLU B 236 -0.62 -1.38 -7.55
N SER B 237 -0.94 -0.14 -7.17
CA SER B 237 -2.31 0.34 -7.01
C SER B 237 -2.98 0.68 -8.33
N ILE B 238 -2.20 0.88 -9.41
CA ILE B 238 -2.73 1.40 -10.67
C ILE B 238 -3.59 0.33 -11.33
N GLU B 239 -4.86 0.67 -11.58
CA GLU B 239 -5.78 -0.26 -12.21
C GLU B 239 -6.61 0.47 -13.25
N VAL B 240 -6.47 0.03 -14.51
CA VAL B 240 -7.31 0.46 -15.61
C VAL B 240 -8.63 -0.30 -15.57
N LYS B 241 -9.75 0.43 -15.57
CA LYS B 241 -11.05 -0.20 -15.74
C LYS B 241 -11.82 0.46 -16.89
N VAL B 242 -12.56 -0.35 -17.63
CA VAL B 242 -13.44 0.18 -18.67
C VAL B 242 -14.82 -0.39 -18.46
N ALA B 243 -15.80 0.52 -18.36
CA ALA B 243 -17.17 0.15 -18.02
C ALA B 243 -17.18 -0.67 -16.74
N GLY B 244 -16.33 -0.27 -15.78
CA GLY B 244 -16.23 -0.93 -14.49
C GLY B 244 -15.42 -2.23 -14.50
N LYS B 245 -15.02 -2.71 -15.68
CA LYS B 245 -14.40 -4.02 -15.82
C LYS B 245 -12.89 -3.82 -15.92
N THR B 246 -12.12 -4.58 -15.13
CA THR B 246 -10.69 -4.36 -15.02
C THR B 246 -9.99 -4.75 -16.33
N VAL B 247 -9.01 -3.94 -16.75
CA VAL B 247 -8.28 -4.22 -17.97
C VAL B 247 -6.79 -4.24 -17.67
N THR B 248 -6.14 -5.34 -18.05
CA THR B 248 -4.74 -5.55 -17.69
C THR B 248 -3.90 -5.81 -18.95
N THR B 249 -4.47 -5.59 -20.15
CA THR B 249 -3.74 -5.84 -21.39
C THR B 249 -3.91 -4.65 -22.34
N GLY B 250 -3.04 -4.58 -23.34
CA GLY B 250 -3.05 -3.49 -24.32
C GLY B 250 -2.40 -2.21 -23.80
N TYR B 251 -1.51 -2.31 -22.80
CA TYR B 251 -0.80 -1.14 -22.34
C TYR B 251 0.56 -1.52 -21.77
N THR B 252 1.44 -0.53 -21.74
CA THR B 252 2.71 -0.62 -21.05
C THR B 252 2.63 0.36 -19.90
N LEU B 253 3.08 -0.08 -18.71
CA LEU B 253 3.04 0.75 -17.53
C LEU B 253 4.46 1.11 -17.15
N THR B 254 4.74 2.40 -17.02
CA THR B 254 6.05 2.83 -16.54
C THR B 254 5.81 3.73 -15.35
N THR B 255 6.43 3.39 -14.23
CA THR B 255 6.22 4.12 -13.00
C THR B 255 7.53 4.76 -12.61
N GLN B 256 7.44 5.97 -12.05
CA GLN B 256 8.54 6.65 -11.38
C GLN B 256 8.04 6.84 -9.95
N LYS B 257 8.68 7.71 -9.16
CA LYS B 257 8.32 7.77 -7.75
C LYS B 257 7.05 8.59 -7.57
N HIS B 258 6.89 9.58 -8.45
CA HIS B 258 5.86 10.60 -8.34
C HIS B 258 4.98 10.60 -9.58
N GLY B 259 4.92 9.48 -10.29
CA GLY B 259 4.17 9.47 -11.53
C GLY B 259 4.24 8.13 -12.25
N PHE B 260 3.43 8.03 -13.30
CA PHE B 260 3.42 6.84 -14.13
C PHE B 260 2.96 7.26 -15.53
N THR B 261 3.25 6.41 -16.51
CA THR B 261 2.65 6.54 -17.83
C THR B 261 2.09 5.19 -18.25
N LEU B 262 0.87 5.24 -18.78
CA LEU B 262 0.27 4.13 -19.52
C LEU B 262 0.21 4.50 -21.00
N ASP B 263 0.99 3.83 -21.85
CA ASP B 263 0.85 3.98 -23.28
C ASP B 263 -0.07 2.85 -23.77
N PHE B 264 -1.21 3.20 -24.37
CA PHE B 264 -2.20 2.22 -24.79
C PHE B 264 -1.97 1.85 -26.25
N SER B 265 -2.17 0.56 -26.52
CA SER B 265 -2.18 0.02 -27.87
C SER B 265 -3.49 0.43 -28.54
N ILE B 266 -3.39 1.23 -29.60
CA ILE B 266 -4.56 1.70 -30.33
C ILE B 266 -5.43 0.51 -30.75
N LYS B 267 -4.80 -0.56 -31.28
CA LYS B 267 -5.53 -1.69 -31.82
C LYS B 267 -6.48 -2.27 -30.77
N ASP B 268 -5.95 -2.45 -29.56
CA ASP B 268 -6.72 -3.06 -28.49
C ASP B 268 -7.83 -2.11 -28.01
N LEU B 269 -7.63 -0.80 -28.18
CA LEU B 269 -8.55 0.17 -27.61
C LEU B 269 -9.91 0.13 -28.31
N GLN B 270 -10.06 -0.58 -29.45
CA GLN B 270 -11.30 -0.54 -30.22
C GLN B 270 -12.44 -1.27 -29.49
N ASN B 271 -12.12 -2.24 -28.64
CA ASN B 271 -13.16 -2.97 -27.92
C ASN B 271 -13.73 -2.11 -26.79
N PHE B 272 -13.06 -1.00 -26.46
CA PHE B 272 -13.57 -0.02 -25.50
C PHE B 272 -14.12 1.22 -26.20
N ALA B 273 -14.27 1.18 -27.52
CA ALA B 273 -14.80 2.30 -28.27
C ALA B 273 -16.11 2.75 -27.65
N ASN B 274 -16.20 4.07 -27.41
CA ASN B 274 -17.42 4.71 -26.97
C ASN B 274 -17.78 4.28 -25.54
N GLN B 275 -16.76 3.92 -24.73
CA GLN B 275 -16.98 3.55 -23.35
C GLN B 275 -16.00 4.28 -22.44
N THR B 276 -16.29 4.27 -21.14
CA THR B 276 -15.52 5.07 -20.20
C THR B 276 -14.36 4.21 -19.68
N MET B 277 -13.18 4.81 -19.67
CA MET B 277 -12.01 4.21 -19.07
C MET B 277 -11.59 5.09 -17.90
N THR B 278 -11.39 4.45 -16.76
CA THR B 278 -10.96 5.13 -15.55
C THR B 278 -9.66 4.47 -15.11
N VAL B 279 -8.69 5.29 -14.68
CA VAL B 279 -7.44 4.79 -14.13
C VAL B 279 -7.42 5.14 -12.66
N SER B 280 -7.64 4.12 -11.83
CA SER B 280 -7.55 4.31 -10.40
C SER B 280 -6.11 4.07 -9.97
N TYR B 281 -5.65 4.86 -9.01
CA TYR B 281 -4.34 4.65 -8.42
C TYR B 281 -4.33 5.32 -7.06
N GLN B 282 -3.37 4.90 -6.23
CA GLN B 282 -3.24 5.49 -4.91
C GLN B 282 -1.89 6.18 -4.79
N MET B 283 -1.90 7.29 -4.07
CA MET B 283 -0.68 7.93 -3.63
C MET B 283 -0.78 8.13 -2.13
N ARG B 284 0.39 8.06 -1.50
CA ARG B 284 0.53 8.23 -0.07
C ARG B 284 1.12 9.60 0.20
N LEU B 285 0.58 10.31 1.18
CA LEU B 285 1.12 11.62 1.54
C LEU B 285 2.35 11.41 2.41
N GLU B 286 3.50 11.93 1.99
CA GLU B 286 4.73 11.70 2.73
C GLU B 286 4.77 12.58 3.99
N LYS B 287 5.66 12.23 4.92
CA LYS B 287 5.88 13.01 6.13
C LYS B 287 6.50 14.38 5.84
N THR B 288 6.99 14.60 4.63
CA THR B 288 7.52 15.89 4.25
C THR B 288 6.38 16.82 3.83
N ALA B 289 5.13 16.33 3.89
CA ALA B 289 3.99 17.11 3.47
C ALA B 289 3.69 18.23 4.48
N GLU B 290 3.93 19.48 4.09
CA GLU B 290 3.67 20.64 4.93
C GLU B 290 2.16 20.89 5.08
N PRO B 291 1.64 21.04 6.31
CA PRO B 291 0.24 21.43 6.50
C PRO B 291 -0.09 22.77 5.85
N ASP B 292 -1.31 22.92 5.33
CA ASP B 292 -1.86 24.19 4.89
C ASP B 292 -1.12 24.67 3.63
N THR B 293 -0.87 23.73 2.72
CA THR B 293 -0.25 24.02 1.43
C THR B 293 -1.00 23.23 0.35
N ALA B 294 -1.15 23.83 -0.83
CA ALA B 294 -1.65 23.09 -1.98
C ALA B 294 -0.59 22.08 -2.43
N ILE B 295 -0.96 20.80 -2.38
CA ILE B 295 -0.12 19.71 -2.86
C ILE B 295 -0.74 19.15 -4.12
N ASN B 296 -0.09 19.39 -5.27
CA ASN B 296 -0.71 19.20 -6.59
C ASN B 296 -0.35 17.86 -7.23
N ASN B 297 -1.18 17.43 -8.18
CA ASN B 297 -0.75 16.53 -9.25
C ASN B 297 -1.39 16.95 -10.58
N GLU B 298 -0.70 16.72 -11.70
CA GLU B 298 -1.25 17.02 -13.02
C GLU B 298 -1.44 15.70 -13.77
N GLY B 299 -2.69 15.26 -13.89
CA GLY B 299 -3.02 14.21 -14.84
C GLY B 299 -2.88 14.74 -16.27
N GLN B 300 -2.62 13.83 -17.22
CA GLN B 300 -2.41 14.20 -18.60
C GLN B 300 -3.02 13.15 -19.53
N LEU B 301 -3.45 13.61 -20.72
CA LEU B 301 -3.79 12.73 -21.83
C LEU B 301 -3.15 13.28 -23.11
N VAL B 302 -2.33 12.45 -23.75
CA VAL B 302 -1.62 12.82 -24.96
C VAL B 302 -2.05 11.87 -26.07
N THR B 303 -2.65 12.44 -27.13
CA THR B 303 -2.89 11.73 -28.36
C THR B 303 -2.12 12.48 -29.42
N ASP B 304 -2.28 12.06 -30.67
CA ASP B 304 -1.62 12.73 -31.78
C ASP B 304 -2.47 13.92 -32.18
N LYS B 305 -3.71 13.97 -31.69
CA LYS B 305 -4.67 15.00 -32.06
C LYS B 305 -4.73 16.11 -31.00
N HIS B 306 -4.48 15.79 -29.71
CA HIS B 306 -4.54 16.78 -28.66
C HIS B 306 -3.85 16.36 -27.35
N THR B 307 -3.66 17.36 -26.46
CA THR B 307 -3.14 17.15 -25.12
C THR B 307 -4.11 17.76 -24.12
N LEU B 308 -4.44 16.99 -23.07
CA LEU B 308 -5.19 17.54 -21.94
C LEU B 308 -4.38 17.36 -20.65
N THR B 309 -4.26 18.46 -19.88
CA THR B 309 -3.73 18.40 -18.53
C THR B 309 -4.88 18.69 -17.58
N LYS B 310 -5.04 17.88 -16.53
CA LYS B 310 -6.00 18.20 -15.49
C LYS B 310 -5.34 18.14 -14.12
N ARG B 311 -5.44 19.23 -13.35
CA ARG B 311 -4.77 19.32 -12.05
C ARG B 311 -5.78 19.02 -10.94
N ALA B 312 -5.29 18.46 -9.83
CA ALA B 312 -6.06 18.26 -8.61
C ALA B 312 -5.18 18.65 -7.43
N ALA B 313 -5.74 18.68 -6.22
CA ALA B 313 -5.03 19.19 -5.06
C ALA B 313 -5.50 18.49 -3.78
N VAL B 314 -4.55 18.28 -2.87
CA VAL B 314 -4.81 17.68 -1.59
C VAL B 314 -4.07 18.51 -0.54
N ARG B 315 -4.39 18.28 0.72
CA ARG B 315 -3.84 19.05 1.81
C ARG B 315 -3.87 18.22 3.09
N THR B 316 -2.97 18.53 4.00
CA THR B 316 -3.04 17.99 5.33
C THR B 316 -3.00 19.18 6.28
N GLY B 317 -3.32 18.90 7.55
CA GLY B 317 -3.53 19.94 8.54
C GLY B 317 -2.53 19.78 9.68
N GLY B 318 -2.60 20.71 10.64
CA GLY B 318 -1.77 20.67 11.82
C GLY B 318 -2.22 21.66 12.89
N LYS B 319 -1.61 21.55 14.07
CA LYS B 319 -1.83 22.49 15.16
C LYS B 319 -0.49 22.75 15.87
N SER B 320 -0.17 24.03 16.07
CA SER B 320 0.95 24.43 16.92
C SER B 320 0.46 24.58 18.37
N PHE B 321 1.35 24.35 19.32
CA PHE B 321 0.99 24.54 20.71
C PHE B 321 2.15 25.15 21.50
N VAL B 322 1.82 25.81 22.60
CA VAL B 322 2.81 26.22 23.58
C VAL B 322 2.27 25.90 24.97
N LYS B 323 3.12 25.26 25.78
CA LYS B 323 2.84 24.92 27.16
C LYS B 323 3.20 26.11 28.04
N VAL B 324 2.24 26.60 28.82
CA VAL B 324 2.46 27.80 29.64
C VAL B 324 1.92 27.58 31.05
N ASP B 325 2.44 28.34 32.02
CA ASP B 325 1.84 28.41 33.35
C ASP B 325 0.43 28.97 33.18
N SER B 326 -0.48 28.56 34.06
CA SER B 326 -1.89 28.85 33.87
C SER B 326 -2.22 30.25 34.40
N GLU B 327 -1.33 30.85 35.20
CA GLU B 327 -1.52 32.21 35.68
C GLU B 327 -0.74 33.18 34.79
N ASN B 328 0.47 32.81 34.36
CA ASN B 328 1.27 33.70 33.52
C ASN B 328 1.74 32.93 32.29
N ALA B 329 1.28 33.35 31.10
CA ALA B 329 1.57 32.65 29.85
C ALA B 329 2.95 33.01 29.30
N LYS B 330 3.56 34.07 29.84
CA LYS B 330 4.94 34.39 29.50
C LYS B 330 5.90 33.42 30.18
N ILE B 331 5.40 32.51 31.03
CA ILE B 331 6.19 31.41 31.58
C ILE B 331 5.96 30.15 30.73
N THR B 332 6.90 29.85 29.84
CA THR B 332 6.82 28.67 28.97
C THR B 332 7.55 27.51 29.63
N LEU B 333 7.00 26.30 29.45
CA LEU B 333 7.41 25.13 30.20
C LEU B 333 7.90 24.03 29.27
N PRO B 334 9.22 23.74 29.23
CA PRO B 334 9.77 22.57 28.54
C PRO B 334 9.37 21.24 29.17
N GLU B 335 9.58 20.15 28.41
CA GLU B 335 9.67 18.81 28.97
C GLU B 335 8.27 18.29 29.33
N ALA B 336 7.22 18.95 28.81
CA ALA B 336 5.86 18.42 28.98
C ALA B 336 5.62 17.40 27.88
N VAL B 337 4.99 16.27 28.22
CA VAL B 337 4.83 15.17 27.26
C VAL B 337 3.35 14.86 27.05
N PHE B 338 2.94 14.80 25.77
CA PHE B 338 1.55 14.57 25.44
C PHE B 338 1.43 13.43 24.44
N ILE B 339 0.23 12.87 24.36
CA ILE B 339 -0.18 12.01 23.27
C ILE B 339 -1.51 12.54 22.73
N VAL B 340 -1.92 12.05 21.56
CA VAL B 340 -3.03 12.63 20.85
C VAL B 340 -4.10 11.57 20.66
N LYS B 341 -5.35 11.98 20.80
CA LYS B 341 -6.49 11.10 20.65
C LYS B 341 -7.50 11.74 19.70
N ASN B 342 -8.28 10.88 19.03
CA ASN B 342 -9.41 11.31 18.23
C ASN B 342 -10.66 11.25 19.10
N GLN B 343 -11.85 11.46 18.50
CA GLN B 343 -13.09 11.50 19.26
C GLN B 343 -13.56 10.07 19.57
N ALA B 344 -12.88 9.06 19.00
CA ALA B 344 -13.21 7.67 19.25
C ALA B 344 -12.48 7.16 20.49
N GLY B 345 -11.55 7.96 21.03
CA GLY B 345 -10.67 7.51 22.09
C GLY B 345 -9.59 6.56 21.58
N GLU B 346 -9.18 6.76 20.32
CA GLU B 346 -8.00 6.09 19.77
C GLU B 346 -6.79 7.03 19.91
N TYR B 347 -5.59 6.42 19.89
CA TYR B 347 -4.35 7.14 20.10
C TYR B 347 -3.59 7.20 18.78
N LEU B 348 -2.81 8.24 18.58
CA LEU B 348 -2.02 8.39 17.37
C LEU B 348 -0.70 7.64 17.51
N ASN B 349 -0.44 6.72 16.55
CA ASN B 349 0.82 6.01 16.46
C ASN B 349 1.51 6.32 15.13
N GLU B 350 2.85 6.42 15.15
CA GLU B 350 3.65 6.56 13.93
C GLU B 350 3.99 5.16 13.47
N THR B 351 3.57 4.83 12.23
CA THR B 351 3.65 3.48 11.70
C THR B 351 4.37 3.54 10.36
N TYR B 355 1.12 7.85 9.85
CA TYR B 355 0.21 7.87 11.02
C TYR B 355 -0.84 6.79 10.90
N ARG B 356 -1.47 6.49 12.05
CA ARG B 356 -2.45 5.43 12.21
C ARG B 356 -3.13 5.65 13.55
N TRP B 357 -4.46 5.50 13.58
CA TRP B 357 -5.19 5.58 14.83
C TRP B 357 -5.36 4.18 15.37
N GLN B 358 -5.08 3.96 16.65
CA GLN B 358 -5.20 2.61 17.18
C GLN B 358 -5.50 2.63 18.68
N LYS B 359 -5.74 1.43 19.21
CA LYS B 359 -6.41 1.25 20.48
C LYS B 359 -5.41 1.35 21.64
N GLU B 360 -4.13 1.10 21.34
CA GLU B 360 -3.12 0.89 22.37
C GLU B 360 -2.44 2.20 22.74
N LYS B 361 -2.65 2.63 23.99
CA LYS B 361 -2.11 3.86 24.51
C LYS B 361 -0.59 3.79 24.55
N ALA B 362 -0.08 2.59 24.82
CA ALA B 362 1.34 2.36 25.05
C ALA B 362 2.15 2.67 23.79
N LEU B 363 1.57 2.43 22.61
CA LEU B 363 2.29 2.67 21.37
C LEU B 363 2.02 4.08 20.84
N ALA B 364 1.44 4.97 21.68
CA ALA B 364 1.12 6.30 21.21
C ALA B 364 2.40 7.10 20.93
N LYS B 365 2.37 7.86 19.84
CA LYS B 365 3.37 8.87 19.57
C LYS B 365 3.35 9.90 20.71
N LYS B 366 4.54 10.32 21.12
CA LYS B 366 4.72 11.23 22.23
C LYS B 366 5.35 12.53 21.75
N ILE B 367 4.63 13.64 21.93
CA ILE B 367 5.06 14.98 21.59
C ILE B 367 5.53 15.70 22.85
N THR B 368 6.65 16.43 22.75
CA THR B 368 7.30 17.05 23.91
C THR B 368 7.46 18.54 23.67
N SER B 369 7.14 19.35 24.68
CA SER B 369 7.40 20.78 24.65
C SER B 369 8.90 21.04 24.70
N ASN B 370 9.40 21.85 23.76
CA ASN B 370 10.80 22.18 23.65
C ASN B 370 11.13 23.32 24.60
N GLN B 371 12.31 23.92 24.44
CA GLN B 371 12.83 24.95 25.33
C GLN B 371 11.92 26.17 25.36
N ALA B 372 11.23 26.46 24.24
CA ALA B 372 10.31 27.58 24.17
C ALA B 372 8.90 27.19 24.66
N GLY B 373 8.72 25.94 25.10
CA GLY B 373 7.41 25.43 25.47
C GLY B 373 6.61 24.91 24.27
N GLU B 374 7.17 25.08 23.07
CA GLU B 374 6.45 24.94 21.81
C GLU B 374 6.48 23.47 21.37
N PHE B 375 5.40 23.05 20.72
CA PHE B 375 5.33 21.73 20.12
C PHE B 375 4.16 21.69 19.16
N SER B 376 4.06 20.65 18.35
CA SER B 376 3.04 20.66 17.34
C SER B 376 2.76 19.24 16.88
N VAL B 377 1.58 19.09 16.28
CA VAL B 377 1.25 17.93 15.47
C VAL B 377 0.99 18.42 14.05
N LYS B 378 1.71 17.83 13.09
CA LYS B 378 1.61 18.13 11.68
C LYS B 378 1.17 16.85 11.02
N GLY B 379 0.31 16.97 9.99
CA GLY B 379 -0.03 15.82 9.15
C GLY B 379 -1.33 15.13 9.56
N LEU B 380 -2.30 15.89 10.09
CA LEU B 380 -3.62 15.34 10.34
C LEU B 380 -4.66 16.01 9.45
N LYS B 381 -5.68 15.24 9.08
CA LYS B 381 -6.84 15.77 8.39
C LYS B 381 -7.64 16.66 9.34
N ASP B 382 -8.68 17.32 8.82
CA ASP B 382 -9.50 18.18 9.67
C ASP B 382 -10.25 17.31 10.66
N GLY B 383 -10.41 17.84 11.87
CA GLY B 383 -11.24 17.16 12.85
C GLY B 383 -11.02 17.76 14.21
N GLN B 384 -11.66 17.17 15.22
CA GLN B 384 -11.45 17.50 16.62
C GLN B 384 -10.58 16.42 17.24
N TYR B 385 -9.50 16.84 17.90
CA TYR B 385 -8.63 15.90 18.59
C TYR B 385 -8.45 16.31 20.04
N PHE B 386 -7.61 15.57 20.75
CA PHE B 386 -7.27 15.90 22.12
C PHE B 386 -5.81 15.55 22.41
N LEU B 387 -5.16 16.40 23.21
CA LEU B 387 -3.95 16.04 23.92
C LEU B 387 -4.32 15.37 25.24
N GLU B 388 -3.54 14.37 25.64
CA GLU B 388 -3.58 13.87 27.00
C GLU B 388 -2.17 13.95 27.56
N GLU B 389 -1.96 14.75 28.61
CA GLU B 389 -0.64 14.89 29.17
C GLU B 389 -0.30 13.55 29.82
N ILE B 390 0.92 13.05 29.60
CA ILE B 390 1.38 11.85 30.28
C ILE B 390 2.58 12.17 31.18
N SER B 391 3.13 13.39 31.08
CA SER B 391 4.25 13.76 31.92
C SER B 391 4.30 15.28 32.07
N ALA B 392 4.24 15.74 33.32
CA ALA B 392 4.09 17.15 33.63
C ALA B 392 5.46 17.84 33.66
N PRO B 393 5.56 19.13 33.30
CA PRO B 393 6.79 19.88 33.56
C PRO B 393 7.13 19.79 35.04
N LYS B 394 8.41 19.94 35.38
CA LYS B 394 8.86 19.89 36.76
C LYS B 394 8.24 21.06 37.52
N GLY B 395 7.59 20.77 38.66
CA GLY B 395 6.98 21.79 39.49
C GLY B 395 5.49 21.98 39.19
N TYR B 396 4.93 21.15 38.31
CA TYR B 396 3.58 21.36 37.82
C TYR B 396 2.76 20.11 38.03
N LEU B 397 1.44 20.30 38.06
CA LEU B 397 0.48 19.22 38.21
C LEU B 397 0.31 18.52 36.88
N LEU B 398 0.13 17.20 36.93
CA LEU B 398 -0.26 16.44 35.76
C LEU B 398 -1.77 16.46 35.62
N ASN B 399 -2.30 17.25 34.69
CA ASN B 399 -3.72 17.16 34.37
C ASN B 399 -3.89 16.10 33.29
N GLN B 400 -4.80 15.14 33.48
CA GLN B 400 -4.97 14.05 32.54
C GLN B 400 -6.28 14.18 31.76
N THR B 401 -7.12 15.16 32.13
CA THR B 401 -8.26 15.55 31.30
C THR B 401 -7.77 15.77 29.86
N GLU B 402 -8.60 15.36 28.90
CA GLU B 402 -8.34 15.62 27.49
C GLU B 402 -8.41 17.12 27.23
N ILE B 403 -7.35 17.66 26.63
CA ILE B 403 -7.28 19.05 26.25
C ILE B 403 -7.63 19.18 24.77
N PRO B 404 -8.83 19.71 24.42
CA PRO B 404 -9.26 19.74 23.01
C PRO B 404 -8.49 20.73 22.14
N PHE B 405 -8.34 20.37 20.87
CA PHE B 405 -7.88 21.24 19.79
C PHE B 405 -8.46 20.78 18.46
N THR B 406 -8.56 21.73 17.52
CA THR B 406 -9.12 21.49 16.20
C THR B 406 -8.06 21.71 15.13
N VAL B 407 -7.93 20.75 14.23
CA VAL B 407 -7.26 20.95 12.96
C VAL B 407 -8.30 21.38 11.92
N GLU B 408 -8.03 22.51 11.26
CA GLU B 408 -8.84 23.01 10.16
C GLU B 408 -7.94 23.74 9.16
N LYS B 409 -8.47 24.09 7.99
CA LYS B 409 -7.78 24.96 7.06
C LYS B 409 -7.22 26.18 7.80
N ASN B 410 -5.89 26.35 7.73
CA ASN B 410 -5.18 27.50 8.26
C ASN B 410 -4.97 27.39 9.76
N SER B 411 -5.24 26.23 10.37
CA SER B 411 -4.99 26.05 11.79
C SER B 411 -3.50 25.92 12.09
N TYR B 412 -2.72 25.68 11.03
CA TYR B 412 -1.28 25.58 11.14
C TYR B 412 -0.61 26.84 10.60
N ALA B 413 -1.01 27.21 9.38
CA ALA B 413 -0.33 28.28 8.67
C ALA B 413 -1.25 28.84 7.59
N THR B 414 -0.90 30.05 7.13
CA THR B 414 -1.55 30.67 5.99
C THR B 414 -0.45 31.14 5.05
N ASN B 415 -0.33 30.45 3.92
CA ASN B 415 0.71 30.70 2.94
C ASN B 415 2.07 30.84 3.62
N GLY B 416 2.39 29.94 4.56
CA GLY B 416 3.69 29.91 5.20
C GLY B 416 3.79 30.81 6.44
N GLN B 417 2.78 31.65 6.69
CA GLN B 417 2.72 32.39 7.94
C GLN B 417 2.09 31.50 9.01
N ARG B 418 2.89 31.08 9.99
CA ARG B 418 2.42 30.16 11.02
C ARG B 418 1.35 30.81 11.91
N THR B 419 0.21 30.13 12.03
CA THR B 419 -0.88 30.52 12.90
C THR B 419 -0.42 30.46 14.36
N ALA B 420 -0.90 31.41 15.15
CA ALA B 420 -0.50 31.51 16.55
C ALA B 420 -0.80 30.19 17.26
N PRO B 421 0.10 29.71 18.14
CA PRO B 421 -0.11 28.46 18.90
C PRO B 421 -1.24 28.50 19.93
N LEU B 422 -1.88 27.37 20.15
CA LEU B 422 -2.83 27.21 21.25
C LEU B 422 -2.06 27.03 22.56
N HIS B 423 -2.39 27.86 23.56
CA HIS B 423 -1.81 27.71 24.89
C HIS B 423 -2.39 26.46 25.52
N VAL B 424 -1.51 25.59 26.03
CA VAL B 424 -1.91 24.50 26.91
C VAL B 424 -1.44 24.83 28.33
N ILE B 425 -2.40 24.97 29.27
CA ILE B 425 -2.10 25.56 30.57
C ILE B 425 -1.73 24.47 31.57
N ASN B 426 -0.73 24.76 32.41
CA ASN B 426 -0.27 23.87 33.46
C ASN B 426 -0.36 24.63 34.79
N LYS B 427 -1.01 24.00 35.80
CA LYS B 427 -1.13 24.54 37.15
C LYS B 427 0.14 24.23 37.95
N LYS B 428 0.73 25.28 38.53
CA LYS B 428 1.91 25.15 39.36
C LYS B 428 1.47 24.52 40.69
N VAL B 429 2.33 23.69 41.29
CA VAL B 429 1.94 22.95 42.50
C VAL B 429 1.96 23.92 43.68
N LYS B 430 1.21 23.58 44.74
CA LYS B 430 1.04 24.42 45.92
C LYS B 430 2.39 24.77 46.62
#